data_8ROB
#
_entry.id   8ROB
#
_cell.length_a   68.923
_cell.length_b   68.923
_cell.length_c   215.327
_cell.angle_alpha   90.00
_cell.angle_beta   90.00
_cell.angle_gamma   90.00
#
_symmetry.space_group_name_H-M   'P 41 21 2'
#
loop_
_entity.id
_entity.type
_entity.pdbx_description
1 polymer 'Structural maintenance of chromosomes protein 1A'
2 polymer '64-kDa C-terminal product'
3 non-polymer 'MAGNESIUM ION'
4 non-polymer 'PHOSPHOTHIOPHOSPHORIC ACID-ADENYLATE ESTER'
5 water water
#
loop_
_entity_poly.entity_id
_entity_poly.type
_entity_poly.pdbx_seq_one_letter_code
_entity_poly.pdbx_strand_id
1 'polypeptide(L)'
;MGFLKLIEIENFKSYKGRQIIGPFQRFTAIIGPNGSGKSNLMDAISFVLGEKTSNLRVKTLRDLIHGAPVGKPAANRAFV
SMVYSEEGAEDRTFARVIVGGSSEYKINNKVVQLHEYSEELEKLGILIKARNFLVFQGAVESIAMKNPKERTALFEEISR
SGELAQEYDKRKKEMVKAEEDTQFNYHRKKNIAAERKEAKESSKHPTSLVPRGSDAQAEEEIKQEMNTLQQKLNEQQSVL
QRIAAPNMKAMEKLESVRDKFQETSDEFEAARKRAKKAKQAFEQIKKERFDRFNACFESVATNIDEIYKALSRNSSAQAF
LGPENPEEPYLDGINYNCVAPGKRFRPMDNLSGGEKTVAALALLFAIHSYKPAPFFVLDQIDAALDNTNIGKVANYIKEQ
STCNFQAIVISLKEEFYTKAESLIGVYPEQGDCVISKVLTFDLTKYPDANPNPNEQ
;
A
2 'polypeptide(L)'
;MKRTQQMLHGLQRALAKTGAESISLLELCRNTNRKQAAAKFYSFLVLKKQQAIELTQEEPYSDIIATPGPRFHGSLEVLF
Q
;
B
#
loop_
_chem_comp.id
_chem_comp.type
_chem_comp.name
_chem_comp.formula
AGS non-polymer 'PHOSPHOTHIOPHOSPHORIC ACID-ADENYLATE ESTER' 'C10 H16 N5 O12 P3 S'
MG non-polymer 'MAGNESIUM ION' 'Mg 2'
#
# COMPACT_ATOMS: atom_id res chain seq x y z
N GLY A 2 15.01 -2.28 6.86
CA GLY A 2 14.62 -3.46 7.64
C GLY A 2 13.13 -3.65 7.52
N PHE A 3 12.41 -3.67 8.64
CA PHE A 3 10.98 -3.91 8.53
C PHE A 3 10.18 -3.23 9.64
N LEU A 4 8.92 -3.02 9.31
CA LEU A 4 7.92 -2.59 10.28
C LEU A 4 7.67 -3.73 11.26
N LYS A 5 8.15 -3.58 12.50
CA LYS A 5 8.05 -4.72 13.41
C LYS A 5 6.66 -4.87 14.01
N LEU A 6 6.05 -3.77 14.44
CA LEU A 6 4.69 -3.88 14.92
C LEU A 6 4.07 -2.50 14.92
N ILE A 7 2.78 -2.47 15.23
CA ILE A 7 1.97 -1.26 15.20
C ILE A 7 1.17 -1.21 16.49
N GLU A 8 1.12 -0.03 17.09
CA GLU A 8 0.33 0.19 18.30
C GLU A 8 -0.62 1.33 18.02
N ILE A 9 -1.92 1.13 18.30
CA ILE A 9 -2.86 2.20 18.03
C ILE A 9 -3.80 2.37 19.22
N GLU A 10 -4.27 3.61 19.37
CA GLU A 10 -5.26 3.94 20.39
C GLU A 10 -6.33 4.86 19.80
N ASN A 11 -7.56 4.36 19.71
CA ASN A 11 -8.72 5.16 19.35
C ASN A 11 -8.60 5.77 17.96
N PHE A 12 -7.94 5.08 17.03
CA PHE A 12 -7.81 5.55 15.66
C PHE A 12 -8.89 4.95 14.77
N LYS A 13 -9.68 5.81 14.13
CA LYS A 13 -10.80 5.42 13.28
C LYS A 13 -11.60 4.30 13.94
N SER A 14 -11.82 3.20 13.23
CA SER A 14 -12.66 2.16 13.80
C SER A 14 -12.00 1.36 14.94
N TYR A 15 -10.74 1.64 15.30
CA TYR A 15 -10.02 0.80 16.26
C TYR A 15 -10.11 1.40 17.67
N LYS A 16 -11.11 0.94 18.43
CA LYS A 16 -11.40 1.48 19.75
C LYS A 16 -10.47 0.90 20.81
N GLY A 17 -9.99 1.77 21.69
CA GLY A 17 -9.12 1.33 22.75
C GLY A 17 -7.69 1.20 22.28
N ARG A 18 -6.85 0.59 23.11
CA ARG A 18 -5.44 0.36 22.78
C ARG A 18 -5.24 -1.09 22.33
N GLN A 19 -4.66 -1.27 21.14
CA GLN A 19 -4.36 -2.62 20.64
C GLN A 19 -2.97 -2.71 20.00
N ILE A 20 -2.42 -3.91 20.04
CA ILE A 20 -1.21 -4.24 19.29
C ILE A 20 -1.64 -4.87 17.97
N ILE A 21 -0.98 -4.46 16.89
CA ILE A 21 -1.25 -4.98 15.57
C ILE A 21 0.03 -5.63 15.08
N GLY A 22 -0.06 -6.91 14.73
CA GLY A 22 1.11 -7.71 14.51
C GLY A 22 1.52 -8.42 15.78
N PRO A 23 2.83 -8.64 15.97
CA PRO A 23 3.94 -8.24 15.08
C PRO A 23 3.93 -8.84 13.66
N PHE A 24 4.57 -8.12 12.74
CA PHE A 24 4.64 -8.38 11.31
C PHE A 24 5.84 -9.25 10.95
N GLN A 25 5.71 -9.95 9.83
CA GLN A 25 6.80 -10.73 9.29
C GLN A 25 7.06 -10.25 7.87
N ARG A 26 7.82 -11.03 7.11
CA ARG A 26 8.20 -10.60 5.77
C ARG A 26 6.99 -10.52 4.85
N PHE A 27 6.04 -11.42 5.04
CA PHE A 27 4.84 -11.49 4.23
C PHE A 27 3.70 -11.70 5.21
N THR A 28 2.90 -10.68 5.38
CA THR A 28 1.79 -10.72 6.30
C THR A 28 0.58 -10.25 5.55
N ALA A 29 -0.52 -10.94 5.75
CA ALA A 29 -1.78 -10.61 5.09
C ALA A 29 -2.80 -10.20 6.12
N ILE A 30 -3.39 -9.02 5.92
CA ILE A 30 -4.54 -8.54 6.67
C ILE A 30 -5.80 -9.04 5.97
N ILE A 31 -6.59 -9.83 6.68
CA ILE A 31 -7.85 -10.29 6.13
C ILE A 31 -8.93 -10.02 7.16
N GLY A 32 -10.17 -10.15 6.70
CA GLY A 32 -11.34 -10.05 7.53
C GLY A 32 -12.54 -9.81 6.65
N PRO A 33 -13.73 -9.87 7.24
CA PRO A 33 -14.94 -9.53 6.48
C PRO A 33 -14.85 -8.12 5.93
N ASN A 34 -15.51 -7.91 4.79
CA ASN A 34 -15.46 -6.61 4.17
C ASN A 34 -16.09 -5.55 5.06
N GLY A 35 -15.53 -4.35 5.02
CA GLY A 35 -16.01 -3.24 5.81
C GLY A 35 -15.71 -3.28 7.29
N SER A 36 -14.85 -4.19 7.77
CA SER A 36 -14.59 -4.27 9.20
C SER A 36 -13.45 -3.37 9.64
N GLY A 37 -12.76 -2.72 8.72
CA GLY A 37 -11.70 -1.79 9.05
C GLY A 37 -10.35 -2.29 8.61
N LYS A 38 -10.31 -2.99 7.46
CA LYS A 38 -9.03 -3.40 6.90
C LYS A 38 -8.26 -2.21 6.35
N SER A 39 -8.91 -1.37 5.54
CA SER A 39 -8.21 -0.21 5.01
C SER A 39 -7.75 0.73 6.13
N ASN A 40 -8.64 0.98 7.09
CA ASN A 40 -8.32 1.83 8.23
C ASN A 40 -6.97 1.50 8.85
N LEU A 41 -6.58 0.23 8.82
CA LEU A 41 -5.25 -0.15 9.27
C LEU A 41 -4.16 0.45 8.38
N MET A 42 -4.43 0.57 7.09
CA MET A 42 -3.45 1.20 6.22
C MET A 42 -3.40 2.69 6.47
N ASP A 43 -4.56 3.28 6.73
CA ASP A 43 -4.60 4.67 7.18
C ASP A 43 -3.78 4.87 8.45
N ALA A 44 -3.88 3.94 9.42
CA ALA A 44 -3.10 4.10 10.64
C ALA A 44 -1.60 4.08 10.35
N ILE A 45 -1.18 3.24 9.40
CA ILE A 45 0.25 3.25 9.05
C ILE A 45 0.65 4.59 8.47
N SER A 46 -0.07 5.05 7.46
CA SER A 46 0.36 6.27 6.81
C SER A 46 0.08 7.48 7.69
N PHE A 47 -0.90 7.39 8.60
CA PHE A 47 -1.02 8.39 9.65
C PHE A 47 0.25 8.51 10.44
N VAL A 48 0.76 7.37 10.94
CA VAL A 48 1.98 7.40 11.74
C VAL A 48 3.22 7.67 10.92
N LEU A 49 3.15 7.59 9.60
CA LEU A 49 4.24 8.08 8.78
C LEU A 49 4.04 9.53 8.35
N GLY A 50 3.04 10.22 8.92
CA GLY A 50 2.90 11.66 8.77
C GLY A 50 1.94 12.17 7.71
N GLU A 51 0.96 11.36 7.29
CA GLU A 51 0.05 11.78 6.23
C GLU A 51 -0.79 12.99 6.63
N LYS A 52 -0.89 13.95 5.69
CA LYS A 52 -1.82 15.07 5.79
C LYS A 52 -3.25 14.61 6.08
N THR A 53 -3.94 15.40 6.91
CA THR A 53 -5.32 15.08 7.25
C THR A 53 -6.19 14.97 5.99
N SER A 54 -5.81 15.68 4.93
CA SER A 54 -6.60 15.71 3.71
C SER A 54 -6.61 14.35 3.01
N ASN A 55 -5.54 13.56 3.16
CA ASN A 55 -5.34 12.31 2.44
C ASN A 55 -5.65 11.09 3.29
N LEU A 56 -6.40 11.25 4.39
CA LEU A 56 -6.81 10.15 5.24
C LEU A 56 -8.32 10.08 5.38
N ARG A 57 -9.04 10.65 4.41
CA ARG A 57 -10.47 10.42 4.21
C ARG A 57 -11.32 11.01 5.30
N VAL A 58 -10.85 12.10 5.92
CA VAL A 58 -11.62 12.84 6.91
C VAL A 58 -11.51 14.31 6.54
N LYS A 59 -12.39 15.11 7.14
CA LYS A 59 -12.30 16.54 6.88
C LYS A 59 -11.36 17.23 7.85
N THR A 60 -11.55 16.97 9.15
CA THR A 60 -10.81 17.59 10.24
C THR A 60 -10.04 16.51 10.98
N LEU A 61 -8.92 16.90 11.62
CA LEU A 61 -8.05 15.91 12.27
C LEU A 61 -8.77 15.14 13.38
N ARG A 62 -9.66 15.80 14.11
CA ARG A 62 -10.33 15.09 15.19
C ARG A 62 -11.25 14.00 14.67
N ASP A 63 -11.69 14.09 13.41
CA ASP A 63 -12.52 13.05 12.84
C ASP A 63 -11.81 11.72 12.74
N LEU A 64 -10.47 11.71 12.80
CA LEU A 64 -9.72 10.47 12.90
C LEU A 64 -9.93 9.75 14.22
N ILE A 65 -10.41 10.45 15.24
CA ILE A 65 -10.55 9.83 16.55
C ILE A 65 -11.80 8.96 16.57
N HIS A 66 -11.66 7.75 17.11
CA HIS A 66 -12.77 6.82 17.19
C HIS A 66 -14.01 7.50 17.73
N GLY A 67 -15.09 7.45 16.95
CA GLY A 67 -16.39 7.89 17.42
C GLY A 67 -16.82 9.24 16.93
N ALA A 68 -15.91 10.03 16.36
CA ALA A 68 -16.27 11.26 15.68
C ALA A 68 -17.42 11.13 14.68
N PRO A 69 -17.52 10.06 13.86
CA PRO A 69 -18.69 9.95 12.97
C PRO A 69 -20.04 9.94 13.69
N VAL A 70 -20.07 9.63 14.99
CA VAL A 70 -21.32 9.65 15.75
C VAL A 70 -21.47 10.92 16.58
N GLY A 71 -20.54 11.86 16.47
CA GLY A 71 -20.50 12.99 17.37
C GLY A 71 -19.97 12.66 18.75
N LYS A 72 -19.60 11.40 18.99
CA LYS A 72 -19.21 10.89 20.30
C LYS A 72 -17.74 10.43 20.30
N PRO A 73 -16.79 11.34 20.14
CA PRO A 73 -15.39 10.91 20.18
C PRO A 73 -15.06 10.27 21.53
N ALA A 74 -14.36 9.15 21.48
CA ALA A 74 -14.11 8.36 22.68
C ALA A 74 -13.13 9.02 23.63
N ALA A 75 -12.49 10.10 23.22
CA ALA A 75 -11.46 10.76 24.01
C ALA A 75 -11.05 12.05 23.30
N ASN A 76 -10.13 12.78 23.94
CA ASN A 76 -9.47 13.95 23.37
C ASN A 76 -8.11 13.58 22.80
N ARG A 77 -7.76 12.30 22.85
CA ARG A 77 -6.39 11.86 22.64
C ARG A 77 -6.41 10.51 21.92
N ALA A 78 -5.83 10.48 20.71
CA ALA A 78 -5.66 9.26 19.93
C ALA A 78 -4.25 9.19 19.33
N PHE A 79 -3.75 7.97 19.14
CA PHE A 79 -2.36 7.83 18.69
C PHE A 79 -2.16 6.54 17.91
N VAL A 80 -1.07 6.52 17.15
CA VAL A 80 -0.55 5.36 16.44
C VAL A 80 0.97 5.42 16.57
N SER A 81 1.60 4.26 16.76
CA SER A 81 3.06 4.16 16.80
C SER A 81 3.54 2.89 16.09
N MET A 82 4.72 2.99 15.49
CA MET A 82 5.33 1.84 14.82
C MET A 82 6.73 1.60 15.36
N VAL A 83 7.10 0.33 15.47
CA VAL A 83 8.46 -0.04 15.82
C VAL A 83 9.16 -0.47 14.54
N TYR A 84 10.18 0.28 14.14
CA TYR A 84 10.96 -0.04 12.97
C TYR A 84 12.21 -0.82 13.37
N SER A 85 12.39 -1.98 12.76
CA SER A 85 13.53 -2.85 13.07
C SER A 85 14.45 -2.92 11.87
N GLU A 86 15.74 -2.90 12.16
CA GLU A 86 16.79 -2.77 11.15
C GLU A 86 17.97 -3.59 11.61
N GLU A 87 18.60 -4.31 10.68
CA GLU A 87 19.73 -5.14 11.05
C GLU A 87 20.94 -4.28 11.42
N GLY A 88 21.49 -4.53 12.61
CA GLY A 88 22.62 -3.80 13.13
C GLY A 88 22.25 -2.65 14.04
N ALA A 89 21.03 -2.13 13.91
CA ALA A 89 20.50 -1.09 14.76
C ALA A 89 19.56 -1.69 15.79
N GLU A 90 19.25 -0.91 16.83
CA GLU A 90 18.22 -1.34 17.74
C GLU A 90 16.90 -0.72 17.32
N ASP A 91 15.83 -1.25 17.88
CA ASP A 91 14.51 -0.78 17.50
C ASP A 91 14.36 0.70 17.82
N ARG A 92 13.72 1.43 16.91
CA ARG A 92 13.30 2.80 17.14
C ARG A 92 11.79 2.85 17.06
N THR A 93 11.20 3.83 17.75
CA THR A 93 9.74 3.93 17.82
C THR A 93 9.29 5.28 17.32
N PHE A 94 8.43 5.28 16.31
CA PHE A 94 7.81 6.49 15.81
C PHE A 94 6.38 6.54 16.29
N ALA A 95 5.96 7.68 16.84
CA ALA A 95 4.58 7.81 17.30
C ALA A 95 3.99 9.17 16.93
N ARG A 96 2.73 9.17 16.53
CA ARG A 96 1.99 10.39 16.23
C ARG A 96 0.75 10.44 17.11
N VAL A 97 0.54 11.58 17.79
CA VAL A 97 -0.53 11.72 18.78
C VAL A 97 -1.45 12.88 18.43
N ILE A 98 -2.75 12.64 18.50
CA ILE A 98 -3.75 13.71 18.40
C ILE A 98 -4.07 14.21 19.81
N VAL A 99 -3.79 15.48 20.05
CA VAL A 99 -4.09 16.15 21.33
C VAL A 99 -4.97 17.33 21.00
N GLY A 100 -6.23 17.28 21.43
CA GLY A 100 -7.20 18.26 21.00
C GLY A 100 -7.23 18.43 19.49
N GLY A 101 -6.70 19.55 18.98
CA GLY A 101 -6.62 19.76 17.55
C GLY A 101 -5.21 19.64 16.97
N SER A 102 -4.22 19.42 17.82
CA SER A 102 -2.84 19.39 17.38
C SER A 102 -2.35 17.96 17.17
N SER A 103 -1.45 17.81 16.20
CA SER A 103 -0.64 16.59 16.10
C SER A 103 0.66 16.78 16.89
N GLU A 104 1.05 15.74 17.63
CA GLU A 104 2.31 15.72 18.34
C GLU A 104 3.09 14.47 17.94
N TYR A 105 4.37 14.65 17.59
CA TYR A 105 5.22 13.57 17.08
C TYR A 105 6.39 13.26 18.02
N LYS A 106 6.77 11.98 18.08
CA LYS A 106 7.85 11.47 18.94
C LYS A 106 8.73 10.48 18.18
N ILE A 107 9.98 10.38 18.63
CA ILE A 107 10.90 9.31 18.25
C ILE A 107 11.58 8.84 19.53
N ASN A 108 11.28 7.61 19.96
CA ASN A 108 11.79 7.11 21.24
C ASN A 108 11.49 8.11 22.35
N ASN A 109 10.29 8.67 22.31
CA ASN A 109 9.79 9.67 23.25
C ASN A 109 10.44 11.03 23.09
N LYS A 110 11.44 11.17 22.22
CA LYS A 110 12.02 12.48 21.94
C LYS A 110 11.05 13.23 21.03
N VAL A 111 10.22 14.09 21.62
CA VAL A 111 9.28 14.93 20.87
C VAL A 111 10.02 15.70 19.78
N VAL A 112 9.38 15.85 18.62
CA VAL A 112 9.94 16.58 17.48
C VAL A 112 8.79 17.25 16.72
N GLN A 113 9.19 18.10 15.77
CA GLN A 113 8.24 18.70 14.85
C GLN A 113 8.16 17.87 13.56
N LEU A 114 7.03 17.98 12.87
CA LEU A 114 6.76 17.14 11.71
C LEU A 114 7.94 17.07 10.76
N HIS A 115 8.67 18.19 10.65
CA HIS A 115 9.85 18.25 9.77
C HIS A 115 10.89 17.22 10.17
N GLU A 116 11.23 17.16 11.46
CA GLU A 116 12.28 16.25 11.90
C GLU A 116 11.77 14.81 11.91
N TYR A 117 10.49 14.64 12.27
CA TYR A 117 9.82 13.35 12.14
C TYR A 117 9.97 12.81 10.73
N SER A 118 9.74 13.67 9.74
CA SER A 118 9.77 13.22 8.35
C SER A 118 11.18 12.84 7.91
N GLU A 119 12.15 13.74 8.08
CA GLU A 119 13.48 13.46 7.56
C GLU A 119 14.09 12.22 8.20
N GLU A 120 13.65 11.82 9.39
CA GLU A 120 14.09 10.55 9.94
C GLU A 120 13.45 9.38 9.23
N LEU A 121 12.15 9.48 8.96
CA LEU A 121 11.50 8.50 8.10
C LEU A 121 11.99 8.61 6.66
N GLU A 122 12.45 9.79 6.25
CA GLU A 122 12.89 9.95 4.86
C GLU A 122 14.19 9.21 4.62
N LYS A 123 15.01 9.05 5.65
CA LYS A 123 16.27 8.34 5.46
C LYS A 123 16.12 6.83 5.63
N LEU A 124 14.97 6.36 6.11
CA LEU A 124 14.66 4.94 6.11
C LEU A 124 14.06 4.46 4.79
N GLY A 125 13.85 5.36 3.84
CA GLY A 125 13.25 5.01 2.57
C GLY A 125 11.76 5.26 2.45
N ILE A 126 11.21 6.22 3.20
CA ILE A 126 9.78 6.35 3.39
C ILE A 126 9.39 7.79 3.06
N LEU A 127 8.69 7.97 1.94
CA LEU A 127 8.37 9.32 1.45
C LEU A 127 6.87 9.58 1.54
N ILE A 128 6.44 10.22 2.63
CA ILE A 128 5.03 10.57 2.79
C ILE A 128 4.56 11.50 1.67
N LYS A 129 5.49 12.18 0.99
CA LYS A 129 5.11 12.98 -0.18
C LYS A 129 4.84 12.10 -1.39
N ALA A 130 5.76 11.19 -1.72
CA ALA A 130 5.53 10.29 -2.84
C ALA A 130 4.52 9.21 -2.52
N ARG A 131 4.37 8.87 -1.25
CA ARG A 131 3.57 7.74 -0.80
C ARG A 131 4.04 6.45 -1.46
N ASN A 132 5.36 6.26 -1.45
CA ASN A 132 5.99 5.10 -2.08
C ASN A 132 5.63 3.78 -1.38
N PHE A 133 5.23 3.86 -0.12
CA PHE A 133 5.03 2.70 0.71
C PHE A 133 3.61 2.12 0.60
N LEU A 134 2.76 2.65 -0.27
CA LEU A 134 1.40 2.12 -0.29
C LEU A 134 0.82 2.05 -1.71
N VAL A 135 -0.24 1.25 -1.81
CA VAL A 135 -1.02 1.04 -3.03
C VAL A 135 -2.48 1.00 -2.63
N PHE A 136 -3.26 1.95 -3.11
CA PHE A 136 -4.64 2.07 -2.70
C PHE A 136 -5.54 1.09 -3.45
N GLN A 137 -6.57 0.62 -2.75
CA GLN A 137 -7.59 -0.25 -3.32
C GLN A 137 -7.99 0.25 -4.70
N GLY A 138 -8.03 -0.66 -5.66
CA GLY A 138 -8.38 -0.29 -7.02
C GLY A 138 -7.28 0.35 -7.85
N ALA A 139 -6.07 0.53 -7.30
CA ALA A 139 -4.99 1.16 -8.07
C ALA A 139 -4.68 0.38 -9.35
N VAL A 140 -4.64 -0.95 -9.29
CA VAL A 140 -4.20 -1.75 -10.43
C VAL A 140 -5.11 -1.51 -11.63
N GLU A 141 -6.42 -1.66 -11.40
CA GLU A 141 -7.36 -1.54 -12.49
C GLU A 141 -7.52 -0.10 -12.95
N SER A 142 -7.19 0.87 -12.10
CA SER A 142 -7.15 2.24 -12.58
C SER A 142 -5.98 2.42 -13.52
N ILE A 143 -4.82 1.87 -13.15
CA ILE A 143 -3.67 1.79 -14.04
C ILE A 143 -4.05 1.10 -15.36
N ALA A 144 -4.60 -0.12 -15.27
CA ALA A 144 -4.85 -0.94 -16.45
C ALA A 144 -5.64 -0.21 -17.52
N MET A 145 -6.45 0.77 -17.13
CA MET A 145 -7.31 1.51 -18.05
C MET A 145 -6.70 2.80 -18.54
N LYS A 146 -5.51 3.17 -18.05
CA LYS A 146 -4.92 4.45 -18.35
C LYS A 146 -4.32 4.44 -19.77
N ASN A 147 -4.63 5.50 -20.57
CA ASN A 147 -4.12 5.65 -21.92
C ASN A 147 -2.81 6.42 -21.92
N PRO A 148 -2.02 6.38 -23.02
CA PRO A 148 -0.65 6.92 -22.96
C PRO A 148 -0.53 8.34 -22.43
N LYS A 149 -1.46 9.22 -22.76
CA LYS A 149 -1.40 10.56 -22.20
C LYS A 149 -1.75 10.57 -20.72
N GLU A 150 -2.67 9.71 -20.28
CA GLU A 150 -2.90 9.55 -18.84
C GLU A 150 -1.66 8.97 -18.16
N ARG A 151 -0.97 8.05 -18.85
CA ARG A 151 0.27 7.49 -18.31
C ARG A 151 1.34 8.55 -18.13
N THR A 152 1.52 9.43 -19.13
CA THR A 152 2.44 10.54 -18.96
C THR A 152 2.05 11.38 -17.75
N ALA A 153 0.78 11.77 -17.68
CA ALA A 153 0.31 12.54 -16.53
C ALA A 153 0.65 11.85 -15.22
N LEU A 154 0.49 10.53 -15.19
CA LEU A 154 0.77 9.77 -13.98
C LEU A 154 2.24 9.88 -13.57
N PHE A 155 3.14 9.86 -14.56
CA PHE A 155 4.56 10.03 -14.25
C PHE A 155 4.86 11.47 -13.84
N GLU A 156 4.18 12.44 -14.47
CA GLU A 156 4.43 13.84 -14.21
C GLU A 156 4.13 14.22 -12.75
N GLU A 157 3.05 13.70 -12.17
CA GLU A 157 2.69 14.11 -10.82
C GLU A 157 3.64 13.50 -9.78
N ILE A 158 4.05 12.25 -9.97
CA ILE A 158 4.92 11.64 -8.98
C ILE A 158 6.32 12.21 -9.09
N SER A 159 6.80 12.43 -10.31
CA SER A 159 8.12 13.02 -10.48
C SER A 159 8.17 14.50 -10.14
N ARG A 160 7.05 15.11 -9.74
CA ARG A 160 6.92 16.55 -9.55
C ARG A 160 7.17 17.33 -10.82
N SER A 161 7.18 16.65 -11.96
CA SER A 161 7.33 17.34 -13.24
C SER A 161 6.30 18.44 -13.41
N GLY A 162 5.06 18.20 -12.95
CA GLY A 162 3.98 19.12 -13.22
C GLY A 162 4.10 20.46 -12.51
N GLU A 163 4.76 20.49 -11.35
CA GLU A 163 4.86 21.74 -10.62
C GLU A 163 5.43 22.86 -11.50
N LEU A 164 6.45 22.53 -12.28
CA LEU A 164 7.01 23.49 -13.22
C LEU A 164 6.30 23.50 -14.56
N ALA A 165 5.21 22.74 -14.70
CA ALA A 165 4.63 22.53 -16.03
C ALA A 165 3.95 23.78 -16.57
N GLN A 166 3.47 24.67 -15.71
CA GLN A 166 2.77 25.85 -16.19
C GLN A 166 3.63 27.10 -16.20
N GLU A 167 4.66 27.17 -15.36
CA GLU A 167 5.69 28.17 -15.57
C GLU A 167 6.48 27.88 -16.84
N TYR A 168 6.40 26.64 -17.32
CA TYR A 168 6.83 26.31 -18.67
C TYR A 168 5.86 26.84 -19.72
N ASP A 169 4.55 26.70 -19.46
CA ASP A 169 3.55 27.14 -20.42
C ASP A 169 3.54 28.66 -20.58
N LYS A 170 3.87 29.39 -19.51
CA LYS A 170 3.88 30.84 -19.58
C LYS A 170 5.10 31.39 -20.29
N ARG A 171 6.22 30.66 -20.30
CA ARG A 171 7.41 31.10 -21.01
C ARG A 171 7.45 30.59 -22.44
N LYS A 172 6.78 29.48 -22.76
CA LYS A 172 6.55 29.13 -24.16
C LYS A 172 5.55 30.09 -24.79
N LYS A 173 4.55 30.50 -24.02
CA LYS A 173 3.66 31.57 -24.47
C LYS A 173 4.41 32.88 -24.65
N GLU A 174 5.45 33.11 -23.83
CA GLU A 174 6.28 34.31 -23.95
C GLU A 174 7.17 34.29 -25.18
N MET A 175 7.47 33.10 -25.71
CA MET A 175 8.37 32.95 -26.85
C MET A 175 7.64 32.89 -28.18
N VAL A 176 6.43 32.33 -28.21
CA VAL A 176 5.67 32.30 -29.46
C VAL A 176 5.37 33.73 -29.93
N LYS A 177 5.07 34.63 -28.98
CA LYS A 177 4.83 36.02 -29.35
C LYS A 177 6.12 36.73 -29.70
N ALA A 178 7.20 36.42 -29.00
CA ALA A 178 8.52 36.98 -29.30
C ALA A 178 9.01 36.46 -30.66
N PHE A 268 15.63 48.44 -32.91
CA PHE A 268 15.36 47.28 -33.74
C PHE A 268 16.28 46.11 -33.37
N GLU A 269 17.43 46.43 -32.77
CA GLU A 269 18.31 45.44 -32.16
C GLU A 269 18.17 45.37 -30.65
N ALA A 270 17.45 46.31 -30.04
CA ALA A 270 17.07 46.16 -28.63
C ALA A 270 15.98 45.12 -28.45
N ALA A 271 15.37 44.65 -29.55
CA ALA A 271 14.40 43.57 -29.51
C ALA A 271 15.04 42.20 -29.73
N ARG A 272 16.14 42.15 -30.48
CA ARG A 272 16.87 40.90 -30.64
C ARG A 272 17.45 40.43 -29.31
N LYS A 273 17.90 41.38 -28.47
CA LYS A 273 18.55 41.02 -27.21
C LYS A 273 17.54 40.57 -26.15
N ARG A 274 16.31 41.12 -26.16
CA ARG A 274 15.29 40.62 -25.25
C ARG A 274 14.74 39.29 -25.71
N ALA A 275 14.64 39.08 -27.03
CA ALA A 275 14.29 37.75 -27.54
C ALA A 275 15.33 36.72 -27.14
N LYS A 276 16.58 37.15 -26.88
CA LYS A 276 17.61 36.25 -26.36
C LYS A 276 17.38 35.89 -24.90
N LYS A 277 16.76 36.78 -24.13
CA LYS A 277 16.38 36.44 -22.76
C LYS A 277 15.18 35.50 -22.75
N ALA A 278 14.33 35.57 -23.77
CA ALA A 278 13.22 34.64 -23.88
C ALA A 278 13.73 33.21 -24.04
N LYS A 279 14.67 33.00 -24.96
CA LYS A 279 15.22 31.67 -25.17
C LYS A 279 15.84 31.12 -23.89
N GLN A 280 16.67 31.93 -23.23
CA GLN A 280 17.30 31.50 -21.98
C GLN A 280 16.25 31.16 -20.94
N ALA A 281 15.26 32.03 -20.75
CA ALA A 281 14.25 31.79 -19.73
C ALA A 281 13.41 30.56 -20.02
N PHE A 282 13.16 30.28 -21.30
CA PHE A 282 12.37 29.10 -21.63
C PHE A 282 13.19 27.82 -21.50
N GLU A 283 14.33 27.76 -22.20
CA GLU A 283 15.15 26.55 -22.17
C GLU A 283 15.51 26.13 -20.76
N GLN A 284 15.73 27.11 -19.88
CA GLN A 284 16.01 26.79 -18.48
C GLN A 284 14.87 25.99 -17.87
N ILE A 285 13.62 26.34 -18.21
CA ILE A 285 12.48 25.59 -17.70
C ILE A 285 12.29 24.29 -18.46
N LYS A 286 12.61 24.28 -19.75
CA LYS A 286 12.53 23.04 -20.50
C LYS A 286 13.43 21.97 -19.89
N LYS A 287 14.59 22.37 -19.35
CA LYS A 287 15.46 21.36 -18.76
C LYS A 287 15.01 20.98 -17.35
N GLU A 288 14.60 21.94 -16.54
CA GLU A 288 14.14 21.64 -15.19
C GLU A 288 13.10 20.55 -15.21
N ARG A 289 12.11 20.69 -16.10
CA ARG A 289 11.00 19.76 -16.17
C ARG A 289 11.45 18.45 -16.82
N PHE A 290 12.19 18.56 -17.93
CA PHE A 290 12.78 17.40 -18.57
C PHE A 290 13.46 16.48 -17.56
N ASP A 291 14.32 17.05 -16.72
CA ASP A 291 15.12 16.26 -15.79
C ASP A 291 14.28 15.63 -14.70
N ARG A 292 13.38 16.42 -14.09
CA ARG A 292 12.49 15.88 -13.09
C ARG A 292 11.74 14.67 -13.64
N PHE A 293 11.19 14.80 -14.85
CA PHE A 293 10.45 13.70 -15.46
C PHE A 293 11.35 12.49 -15.65
N ASN A 294 12.58 12.72 -16.13
CA ASN A 294 13.44 11.62 -16.52
C ASN A 294 14.17 11.00 -15.35
N ALA A 295 14.51 11.80 -14.33
CA ALA A 295 15.03 11.22 -13.10
C ALA A 295 14.15 10.07 -12.63
N CYS A 296 12.82 10.21 -12.82
CA CYS A 296 11.86 9.18 -12.44
C CYS A 296 11.61 8.18 -13.57
N PHE A 297 11.19 8.65 -14.74
CA PHE A 297 10.70 7.73 -15.76
C PHE A 297 11.78 6.76 -16.25
N GLU A 298 13.03 7.21 -16.28
CA GLU A 298 14.06 6.37 -16.87
C GLU A 298 14.36 5.15 -16.01
N SER A 299 14.21 5.28 -14.69
CA SER A 299 14.45 4.14 -13.80
C SER A 299 13.39 3.07 -13.98
N VAL A 300 12.12 3.49 -13.98
CA VAL A 300 11.00 2.59 -14.20
C VAL A 300 11.12 1.84 -15.51
N ALA A 301 11.66 2.51 -16.55
CA ALA A 301 11.71 1.90 -17.87
C ALA A 301 12.74 0.77 -17.95
N THR A 302 13.84 0.85 -17.20
CA THR A 302 14.81 -0.23 -17.31
C THR A 302 14.44 -1.43 -16.43
N ASN A 303 13.62 -1.23 -15.41
CA ASN A 303 13.24 -2.35 -14.55
C ASN A 303 11.99 -3.08 -15.02
N ILE A 304 11.12 -2.41 -15.78
CA ILE A 304 9.81 -2.98 -16.05
C ILE A 304 9.92 -4.36 -16.71
N ASP A 305 10.93 -4.56 -17.55
CA ASP A 305 11.05 -5.82 -18.28
C ASP A 305 11.37 -6.98 -17.32
N GLU A 306 12.39 -6.81 -16.46
CA GLU A 306 12.73 -7.87 -15.51
C GLU A 306 11.61 -8.15 -14.53
N ILE A 307 10.78 -7.15 -14.25
CA ILE A 307 9.62 -7.35 -13.39
C ILE A 307 8.52 -8.10 -14.15
N TYR A 308 8.23 -7.68 -15.38
CA TYR A 308 7.26 -8.39 -16.19
C TYR A 308 7.63 -9.84 -16.38
N LYS A 309 8.93 -10.15 -16.43
CA LYS A 309 9.35 -11.54 -16.53
C LYS A 309 9.03 -12.32 -15.27
N ALA A 310 9.28 -11.72 -14.09
CA ALA A 310 9.10 -12.43 -12.83
C ALA A 310 7.63 -12.63 -12.52
N LEU A 311 6.79 -11.64 -12.81
CA LEU A 311 5.36 -11.81 -12.62
C LEU A 311 4.82 -12.95 -13.50
N SER A 312 5.30 -13.02 -14.74
CA SER A 312 4.83 -14.04 -15.66
C SER A 312 5.26 -15.45 -15.26
N ARG A 313 6.32 -15.56 -14.45
CA ARG A 313 7.06 -16.81 -14.24
C ARG A 313 7.34 -17.48 -15.58
N ASN A 314 7.84 -16.69 -16.51
CA ASN A 314 8.20 -17.21 -17.83
C ASN A 314 9.21 -16.26 -18.47
N SER A 315 10.36 -16.80 -18.85
CA SER A 315 11.47 -16.01 -19.38
C SER A 315 11.20 -15.47 -20.78
N SER A 316 10.13 -15.91 -21.43
CA SER A 316 9.78 -15.42 -22.77
C SER A 316 8.83 -14.21 -22.72
N ALA A 317 8.76 -13.49 -21.61
CA ALA A 317 7.95 -12.29 -21.51
C ALA A 317 8.84 -11.05 -21.62
N GLN A 318 8.26 -9.98 -22.19
CA GLN A 318 9.01 -8.74 -22.41
C GLN A 318 8.06 -7.55 -22.27
N ALA A 319 8.48 -6.54 -21.52
CA ALA A 319 7.74 -5.29 -21.42
C ALA A 319 8.63 -4.14 -21.89
N PHE A 320 8.01 -3.12 -22.48
CA PHE A 320 8.71 -1.95 -23.00
C PHE A 320 7.95 -0.70 -22.63
N LEU A 321 8.65 0.26 -22.04
CA LEU A 321 8.10 1.56 -21.66
C LEU A 321 8.97 2.62 -22.31
N GLY A 322 8.36 3.45 -23.15
CA GLY A 322 9.08 4.55 -23.74
C GLY A 322 8.14 5.67 -24.08
N PRO A 323 8.68 6.86 -24.32
CA PRO A 323 7.83 8.01 -24.62
C PRO A 323 7.63 8.25 -26.11
N GLU A 324 6.51 8.92 -26.41
CA GLU A 324 6.23 9.38 -27.77
C GLU A 324 7.00 10.65 -28.12
N ASN A 325 7.54 11.36 -27.13
CA ASN A 325 8.36 12.55 -27.36
C ASN A 325 9.64 12.40 -26.55
N PRO A 326 10.65 11.70 -27.07
CA PRO A 326 11.89 11.58 -26.30
C PRO A 326 12.54 12.93 -26.03
N GLU A 327 12.32 13.90 -26.90
CA GLU A 327 12.79 15.26 -26.65
C GLU A 327 12.07 15.86 -25.45
N GLU A 328 10.75 15.96 -25.53
CA GLU A 328 9.94 16.64 -24.53
C GLU A 328 8.86 15.68 -24.01
N PRO A 329 9.25 14.64 -23.26
CA PRO A 329 8.31 13.55 -22.94
C PRO A 329 6.99 14.01 -22.36
N TYR A 330 7.00 15.07 -21.56
CA TYR A 330 5.81 15.58 -20.88
C TYR A 330 4.86 16.32 -21.82
N LEU A 331 4.91 16.06 -23.12
CA LEU A 331 3.87 16.60 -23.99
C LEU A 331 2.96 15.48 -24.49
N ASP A 332 3.52 14.55 -25.25
CA ASP A 332 2.79 13.39 -25.73
C ASP A 332 2.63 12.32 -24.66
N GLY A 333 2.33 11.11 -25.10
CA GLY A 333 2.06 10.00 -24.21
C GLY A 333 3.22 9.03 -24.06
N ILE A 334 2.96 8.05 -23.20
CA ILE A 334 3.89 6.99 -22.87
C ILE A 334 3.30 5.70 -23.43
N ASN A 335 3.85 5.21 -24.53
CA ASN A 335 3.34 3.91 -24.96
C ASN A 335 3.92 2.81 -24.07
N TYR A 336 3.25 1.67 -24.10
CA TYR A 336 3.56 0.58 -23.17
C TYR A 336 3.35 -0.70 -23.95
N ASN A 337 4.43 -1.33 -24.35
CA ASN A 337 4.35 -2.51 -25.21
C ASN A 337 4.81 -3.73 -24.44
N CYS A 338 4.10 -4.83 -24.65
CA CYS A 338 4.37 -6.04 -23.93
C CYS A 338 4.23 -7.20 -24.91
N VAL A 339 4.89 -8.30 -24.57
CA VAL A 339 4.68 -9.59 -25.22
C VAL A 339 4.32 -10.56 -24.11
N ALA A 340 3.06 -10.98 -24.06
CA ALA A 340 2.64 -11.97 -23.08
C ALA A 340 3.17 -13.35 -23.46
N PRO A 341 3.41 -14.23 -22.48
CA PRO A 341 4.04 -15.51 -22.81
C PRO A 341 3.26 -16.28 -23.87
N GLY A 342 3.99 -16.87 -24.80
CA GLY A 342 3.39 -17.56 -25.94
C GLY A 342 2.42 -16.70 -26.74
N LYS A 343 2.71 -15.42 -26.92
CA LYS A 343 1.81 -14.49 -27.59
C LYS A 343 2.65 -13.52 -28.42
N ARG A 344 1.95 -12.64 -29.15
CA ARG A 344 2.58 -11.74 -30.11
C ARG A 344 2.74 -10.35 -29.53
N PHE A 345 3.73 -9.62 -30.05
CA PHE A 345 4.02 -8.27 -29.59
C PHE A 345 2.88 -7.32 -29.92
N ARG A 346 2.53 -6.43 -28.98
CA ARG A 346 1.34 -5.58 -29.10
C ARG A 346 1.23 -4.54 -27.97
N PRO A 347 0.50 -3.45 -28.17
CA PRO A 347 0.33 -2.48 -27.08
C PRO A 347 -0.42 -3.09 -25.90
N MET A 348 -0.21 -2.48 -24.72
CA MET A 348 -0.81 -3.00 -23.50
C MET A 348 -2.33 -2.90 -23.55
N ASP A 349 -2.84 -1.82 -24.15
CA ASP A 349 -4.27 -1.59 -24.28
C ASP A 349 -5.00 -2.71 -25.05
N ASN A 350 -4.34 -3.42 -25.97
CA ASN A 350 -5.08 -4.38 -26.77
C ASN A 350 -5.03 -5.78 -26.18
N LEU A 351 -4.37 -5.95 -25.05
CA LEU A 351 -4.30 -7.24 -24.39
C LEU A 351 -5.67 -7.59 -23.81
N SER A 352 -5.81 -8.86 -23.45
CA SER A 352 -7.02 -9.29 -22.79
C SER A 352 -7.01 -8.85 -21.33
N GLY A 353 -8.18 -8.88 -20.70
CA GLY A 353 -8.28 -8.38 -19.32
C GLY A 353 -7.26 -9.01 -18.40
N GLY A 354 -7.20 -10.34 -18.40
CA GLY A 354 -6.22 -11.04 -17.59
C GLY A 354 -4.79 -10.64 -17.88
N GLU A 355 -4.47 -10.34 -19.14
CA GLU A 355 -3.12 -9.91 -19.50
C GLU A 355 -2.89 -8.45 -19.15
N LYS A 356 -3.90 -7.61 -19.38
CA LYS A 356 -3.82 -6.19 -19.02
C LYS A 356 -3.42 -6.00 -17.55
N THR A 357 -4.06 -6.75 -16.65
CA THR A 357 -3.81 -6.53 -15.23
C THR A 357 -2.36 -6.90 -14.86
N VAL A 358 -1.84 -7.99 -15.45
CA VAL A 358 -0.47 -8.41 -15.18
C VAL A 358 0.53 -7.34 -15.57
N ALA A 359 0.37 -6.77 -16.76
CA ALA A 359 1.23 -5.65 -17.13
C ALA A 359 1.01 -4.45 -16.20
N ALA A 360 -0.22 -4.22 -15.78
CA ALA A 360 -0.51 -3.13 -14.87
C ALA A 360 0.20 -3.32 -13.54
N LEU A 361 0.22 -4.55 -13.02
CA LEU A 361 1.06 -4.85 -11.85
C LEU A 361 2.52 -4.60 -12.14
N ALA A 362 2.99 -5.01 -13.33
CA ALA A 362 4.40 -4.81 -13.65
C ALA A 362 4.72 -3.32 -13.66
N LEU A 363 3.87 -2.52 -14.31
CA LEU A 363 4.04 -1.08 -14.27
C LEU A 363 4.01 -0.56 -12.83
N LEU A 364 3.11 -1.11 -12.01
CA LEU A 364 3.00 -0.67 -10.63
C LEU A 364 4.29 -0.93 -9.87
N PHE A 365 4.69 -2.21 -9.77
CA PHE A 365 5.94 -2.53 -9.09
C PHE A 365 7.16 -1.81 -9.68
N ALA A 366 7.13 -1.48 -10.97
CA ALA A 366 8.25 -0.74 -11.53
C ALA A 366 8.24 0.70 -11.07
N ILE A 367 7.03 1.28 -10.87
CA ILE A 367 6.93 2.60 -10.24
C ILE A 367 7.54 2.57 -8.84
N HIS A 368 7.11 1.61 -8.02
CA HIS A 368 7.69 1.56 -6.68
CA HIS A 368 7.66 1.41 -6.67
C HIS A 368 9.12 1.04 -6.70
N SER A 369 9.60 0.52 -7.83
CA SER A 369 11.02 0.24 -8.00
C SER A 369 11.85 1.53 -8.02
N TYR A 370 11.23 2.67 -8.28
CA TYR A 370 11.90 3.96 -8.28
C TYR A 370 11.80 4.55 -6.87
N LYS A 371 12.94 4.63 -6.17
CA LYS A 371 13.01 5.14 -4.80
C LYS A 371 12.19 4.24 -3.85
N PRO A 372 12.59 2.99 -3.66
CA PRO A 372 11.69 2.01 -3.02
C PRO A 372 11.72 2.04 -1.50
N ALA A 373 10.56 1.75 -0.94
CA ALA A 373 10.26 1.68 0.47
C ALA A 373 10.75 0.35 1.06
N PRO A 374 11.12 0.33 2.35
CA PRO A 374 11.52 -0.96 2.96
C PRO A 374 10.36 -1.91 3.15
N PHE A 375 9.16 -1.38 3.34
CA PHE A 375 7.97 -2.21 3.37
C PHE A 375 6.96 -1.64 2.39
N PHE A 376 6.08 -2.53 1.92
CA PHE A 376 5.18 -2.26 0.82
C PHE A 376 3.77 -2.71 1.20
N VAL A 377 2.82 -1.79 1.13
CA VAL A 377 1.47 -2.01 1.68
C VAL A 377 0.45 -1.97 0.56
N LEU A 378 -0.24 -3.08 0.35
CA LEU A 378 -1.12 -3.27 -0.80
C LEU A 378 -2.54 -3.47 -0.31
N ASP A 379 -3.43 -2.58 -0.70
CA ASP A 379 -4.82 -2.72 -0.33
C ASP A 379 -5.57 -3.48 -1.43
N GLN A 380 -5.79 -4.77 -1.22
CA GLN A 380 -6.72 -5.56 -2.02
C GLN A 380 -6.38 -5.46 -3.50
N ILE A 381 -5.07 -5.45 -3.75
CA ILE A 381 -4.49 -5.67 -5.06
C ILE A 381 -5.11 -6.91 -5.73
N ASP A 382 -5.37 -7.97 -4.95
CA ASP A 382 -5.90 -9.19 -5.51
C ASP A 382 -7.38 -9.10 -5.91
N ALA A 383 -8.08 -7.97 -5.72
CA ALA A 383 -9.45 -7.89 -6.21
C ALA A 383 -9.53 -7.93 -7.73
N ALA A 384 -8.53 -7.39 -8.42
CA ALA A 384 -8.52 -7.43 -9.88
C ALA A 384 -8.26 -8.83 -10.40
N LEU A 385 -7.55 -9.64 -9.64
CA LEU A 385 -7.04 -10.90 -10.16
C LEU A 385 -8.16 -11.91 -10.34
N ASP A 386 -7.94 -12.82 -11.30
CA ASP A 386 -8.78 -13.95 -11.63
C ASP A 386 -8.02 -15.23 -11.30
N ASN A 387 -8.68 -16.36 -11.55
CA ASN A 387 -8.19 -17.64 -11.03
C ASN A 387 -6.80 -17.97 -11.59
N THR A 388 -6.54 -17.66 -12.86
CA THR A 388 -5.28 -18.06 -13.46
C THR A 388 -4.11 -17.41 -12.75
N ASN A 389 -4.05 -16.09 -12.77
CA ASN A 389 -2.86 -15.37 -12.35
C ASN A 389 -2.86 -15.03 -10.86
N ILE A 390 -3.89 -15.41 -10.11
CA ILE A 390 -3.89 -15.12 -8.68
C ILE A 390 -2.68 -15.75 -8.00
N GLY A 391 -2.40 -17.01 -8.30
CA GLY A 391 -1.24 -17.66 -7.71
C GLY A 391 0.08 -17.10 -8.19
N LYS A 392 0.11 -16.54 -9.40
CA LYS A 392 1.36 -16.08 -9.98
C LYS A 392 1.89 -14.85 -9.25
N VAL A 393 1.01 -13.90 -8.90
CA VAL A 393 1.48 -12.73 -8.19
C VAL A 393 1.62 -13.02 -6.69
N ALA A 394 0.76 -13.87 -6.14
CA ALA A 394 0.97 -14.30 -4.77
C ALA A 394 2.36 -14.88 -4.61
N ASN A 395 2.79 -15.70 -5.58
CA ASN A 395 4.14 -16.28 -5.53
C ASN A 395 5.24 -15.25 -5.87
N TYR A 396 4.95 -14.24 -6.69
CA TYR A 396 5.95 -13.19 -6.92
C TYR A 396 6.15 -12.35 -5.68
N ILE A 397 5.06 -11.99 -4.98
CA ILE A 397 5.19 -11.25 -3.72
C ILE A 397 5.85 -12.12 -2.66
N LYS A 398 5.49 -13.41 -2.58
CA LYS A 398 6.13 -14.28 -1.60
C LYS A 398 7.63 -14.29 -1.79
N GLU A 399 8.09 -14.17 -3.03
CA GLU A 399 9.52 -14.19 -3.32
C GLU A 399 10.15 -12.83 -3.02
N GLN A 400 9.49 -11.74 -3.38
CA GLN A 400 10.01 -10.42 -3.08
C GLN A 400 10.01 -10.10 -1.60
N SER A 401 9.25 -10.85 -0.80
CA SER A 401 9.19 -10.56 0.64
C SER A 401 10.47 -10.98 1.34
N THR A 402 11.11 -12.05 0.87
CA THR A 402 12.39 -12.51 1.40
C THR A 402 13.61 -11.93 0.70
N CYS A 403 13.41 -10.93 -0.16
CA CYS A 403 14.51 -10.45 -0.99
C CYS A 403 14.62 -8.93 -0.97
N ASN A 404 13.50 -8.25 -1.28
CA ASN A 404 13.49 -6.85 -1.65
C ASN A 404 12.71 -5.96 -0.70
N PHE A 405 11.62 -6.45 -0.12
CA PHE A 405 10.87 -5.59 0.78
C PHE A 405 9.92 -6.43 1.62
N GLN A 406 9.57 -5.89 2.76
CA GLN A 406 8.55 -6.49 3.57
C GLN A 406 7.21 -6.28 2.88
N ALA A 407 6.37 -7.31 2.89
CA ALA A 407 5.10 -7.30 2.17
C ALA A 407 3.94 -7.29 3.16
N ILE A 408 3.19 -6.21 3.23
CA ILE A 408 2.03 -6.14 4.09
C ILE A 408 0.82 -5.90 3.21
N VAL A 409 -0.01 -6.93 3.07
CA VAL A 409 -0.97 -7.01 1.99
C VAL A 409 -2.35 -7.24 2.58
N ILE A 410 -3.28 -6.38 2.22
CA ILE A 410 -4.68 -6.62 2.53
C ILE A 410 -5.26 -7.41 1.36
N SER A 411 -5.96 -8.50 1.68
CA SER A 411 -6.39 -9.47 0.69
C SER A 411 -7.73 -10.06 1.07
N LEU A 412 -8.52 -10.35 0.05
CA LEU A 412 -9.84 -10.88 0.24
C LEU A 412 -10.00 -12.25 -0.37
N LYS A 413 -8.94 -12.82 -0.93
CA LYS A 413 -9.02 -14.08 -1.68
C LYS A 413 -8.12 -15.11 -1.02
N GLU A 414 -8.70 -16.18 -0.51
CA GLU A 414 -7.89 -17.19 0.15
C GLU A 414 -6.74 -17.68 -0.71
N GLU A 415 -6.87 -17.61 -2.04
CA GLU A 415 -5.79 -18.05 -2.91
C GLU A 415 -4.56 -17.18 -2.77
N PHE A 416 -4.75 -15.89 -2.54
CA PHE A 416 -3.61 -15.02 -2.32
C PHE A 416 -3.09 -15.05 -0.87
N TYR A 417 -3.98 -14.92 0.12
CA TYR A 417 -3.46 -14.72 1.46
C TYR A 417 -2.96 -16.00 2.13
N THR A 418 -3.23 -17.17 1.55
CA THR A 418 -2.74 -18.40 2.17
C THR A 418 -1.30 -18.71 1.79
N LYS A 419 -0.66 -17.89 0.95
CA LYS A 419 0.78 -17.91 0.76
C LYS A 419 1.52 -17.01 1.75
N ALA A 420 0.81 -16.30 2.61
CA ALA A 420 1.44 -15.45 3.62
C ALA A 420 2.22 -16.27 4.64
N GLU A 421 3.12 -15.61 5.36
CA GLU A 421 3.67 -16.25 6.56
C GLU A 421 2.67 -16.19 7.70
N SER A 422 1.92 -15.09 7.80
CA SER A 422 1.01 -14.87 8.91
C SER A 422 -0.18 -14.02 8.47
N LEU A 423 -1.31 -14.25 9.14
CA LEU A 423 -2.53 -13.48 8.95
C LEU A 423 -2.80 -12.57 10.15
N ILE A 424 -3.19 -11.34 9.86
CA ILE A 424 -3.81 -10.47 10.85
C ILE A 424 -5.28 -10.42 10.47
N GLY A 425 -6.11 -11.14 11.23
CA GLY A 425 -7.52 -11.14 10.97
C GLY A 425 -8.24 -10.04 11.70
N VAL A 426 -8.97 -9.20 10.97
CA VAL A 426 -9.72 -8.08 11.54
C VAL A 426 -11.13 -8.57 11.86
N TYR A 427 -11.62 -8.31 13.07
CA TYR A 427 -13.03 -8.60 13.28
C TYR A 427 -13.78 -7.42 13.91
N PRO A 428 -15.09 -7.31 13.68
CA PRO A 428 -15.85 -6.19 14.25
C PRO A 428 -16.66 -6.54 15.49
N GLU A 429 -16.63 -5.66 16.52
CA GLU A 429 -17.59 -5.69 17.61
C GLU A 429 -18.80 -4.81 17.26
N GLN A 430 -19.89 -5.01 18.00
CA GLN A 430 -21.09 -4.20 17.80
C GLN A 430 -21.03 -2.93 18.64
N GLY A 431 -21.28 -1.79 17.99
CA GLY A 431 -21.25 -0.51 18.67
C GLY A 431 -22.03 0.52 17.87
N ASP A 432 -21.99 1.76 18.36
CA ASP A 432 -22.66 2.86 17.67
C ASP A 432 -22.06 3.07 16.28
N CYS A 433 -20.74 3.08 16.21
CA CYS A 433 -19.98 2.99 14.98
C CYS A 433 -19.20 1.69 14.99
N VAL A 434 -18.49 1.41 13.90
CA VAL A 434 -17.85 0.10 13.79
C VAL A 434 -16.62 0.04 14.70
N ILE A 435 -16.38 -1.12 15.31
CA ILE A 435 -15.27 -1.29 16.25
C ILE A 435 -14.41 -2.44 15.78
N SER A 436 -13.16 -2.13 15.45
CA SER A 436 -12.23 -3.11 14.89
C SER A 436 -11.31 -3.66 15.97
N LYS A 437 -10.90 -4.91 15.77
CA LYS A 437 -10.00 -5.64 16.66
C LYS A 437 -9.35 -6.74 15.82
N VAL A 438 -8.10 -7.05 16.13
CA VAL A 438 -7.34 -7.96 15.29
C VAL A 438 -6.98 -9.23 16.05
N LEU A 439 -6.83 -10.32 15.26
CA LEU A 439 -6.30 -11.60 15.72
C LEU A 439 -5.06 -11.93 14.90
N THR A 440 -4.17 -12.75 15.46
CA THR A 440 -2.94 -13.10 14.76
C THR A 440 -2.83 -14.61 14.60
N PHE A 441 -2.63 -15.05 13.36
CA PHE A 441 -2.53 -16.47 13.05
C PHE A 441 -1.23 -16.78 12.31
N ASP A 442 -0.55 -17.82 12.76
CA ASP A 442 0.68 -18.28 12.13
C ASP A 442 0.32 -19.29 11.04
N LEU A 443 0.75 -19.02 9.79
CA LEU A 443 0.49 -19.98 8.71
C LEU A 443 1.62 -20.97 8.50
N THR A 444 2.86 -20.64 8.89
CA THR A 444 3.99 -21.53 8.66
C THR A 444 3.85 -22.86 9.41
N LYS A 445 2.95 -22.95 10.39
CA LYS A 445 2.81 -24.18 11.15
C LYS A 445 2.11 -25.29 10.37
N TYR A 446 1.71 -25.05 9.12
CA TYR A 446 0.91 -26.00 8.35
C TYR A 446 1.46 -26.16 6.94
N PRO A 447 1.26 -27.32 6.32
CA PRO A 447 1.83 -27.60 4.99
C PRO A 447 1.07 -26.95 3.84
N ASP A 448 1.80 -26.67 2.77
CA ASP A 448 1.18 -26.20 1.54
C ASP A 448 0.15 -27.22 1.06
N ALA A 449 -0.70 -26.78 0.14
CA ALA A 449 -1.77 -27.61 -0.38
C ALA A 449 -1.27 -28.51 -1.49
N ASN A 450 -1.94 -29.64 -1.67
CA ASN A 450 -1.62 -30.61 -2.73
C ASN A 450 -1.66 -29.94 -4.10
N LEU B 8 -19.06 -24.51 12.85
CA LEU B 8 -19.89 -24.08 13.97
C LEU B 8 -20.75 -25.21 14.49
N HIS B 9 -21.44 -25.88 13.57
CA HIS B 9 -22.37 -26.93 13.96
C HIS B 9 -21.65 -28.03 14.74
N GLY B 10 -20.59 -28.59 14.16
CA GLY B 10 -19.79 -29.56 14.89
C GLY B 10 -19.18 -28.97 16.15
N LEU B 11 -18.96 -27.65 16.16
CA LEU B 11 -18.31 -26.98 17.27
C LEU B 11 -19.17 -26.90 18.53
N GLN B 12 -20.38 -27.45 18.53
CA GLN B 12 -21.22 -27.38 19.71
C GLN B 12 -21.44 -28.74 20.35
N GLU B 21 -17.25 -25.36 28.56
CA GLU B 21 -17.24 -25.58 27.12
C GLU B 21 -16.57 -24.41 26.37
N SER B 22 -15.35 -24.64 25.86
CA SER B 22 -14.62 -23.66 25.07
C SER B 22 -13.84 -24.39 23.99
N ILE B 23 -13.36 -23.64 22.99
CA ILE B 23 -12.79 -24.19 21.77
C ILE B 23 -11.39 -23.63 21.56
N SER B 24 -10.48 -24.48 21.10
CA SER B 24 -9.11 -24.10 20.74
C SER B 24 -9.00 -24.01 19.22
N LEU B 25 -8.51 -22.89 18.71
CA LEU B 25 -8.29 -22.82 17.27
C LEU B 25 -7.16 -23.75 16.87
N LEU B 26 -6.04 -23.71 17.59
CA LEU B 26 -4.89 -24.52 17.23
C LEU B 26 -5.20 -26.02 17.30
N GLU B 27 -6.26 -26.42 18.03
CA GLU B 27 -6.66 -27.82 18.04
C GLU B 27 -7.56 -28.14 16.84
N LEU B 28 -8.50 -27.25 16.52
CA LEU B 28 -9.30 -27.40 15.31
C LEU B 28 -8.42 -27.50 14.06
N CYS B 29 -7.18 -27.00 14.15
CA CYS B 29 -6.25 -27.00 13.04
C CYS B 29 -5.18 -28.05 13.19
N ARG B 30 -5.33 -28.95 14.15
CA ARG B 30 -4.49 -30.13 14.20
C ARG B 30 -4.65 -30.94 12.91
N ASN B 31 -3.54 -31.14 12.20
CA ASN B 31 -3.39 -31.96 11.00
C ASN B 31 -3.86 -31.29 9.72
N THR B 32 -4.27 -30.03 9.73
CA THR B 32 -4.70 -29.41 8.49
C THR B 32 -3.53 -28.79 7.74
N ASN B 33 -3.79 -28.42 6.48
CA ASN B 33 -2.88 -27.66 5.64
C ASN B 33 -3.24 -26.17 5.69
N ARG B 34 -2.44 -25.34 5.02
CA ARG B 34 -2.60 -23.89 5.09
C ARG B 34 -4.02 -23.45 4.74
N LYS B 35 -4.54 -23.92 3.59
CA LYS B 35 -5.85 -23.47 3.14
C LYS B 35 -6.96 -23.88 4.11
N GLN B 36 -6.81 -25.05 4.75
CA GLN B 36 -7.82 -25.48 5.72
C GLN B 36 -7.68 -24.76 7.06
N ALA B 37 -6.46 -24.39 7.46
CA ALA B 37 -6.29 -23.68 8.71
C ALA B 37 -6.67 -22.21 8.56
N ALA B 38 -6.19 -21.55 7.50
CA ALA B 38 -6.66 -20.22 7.17
C ALA B 38 -8.18 -20.17 7.07
N ALA B 39 -8.81 -21.24 6.61
CA ALA B 39 -10.26 -21.29 6.53
C ALA B 39 -10.88 -21.27 7.91
N LYS B 40 -10.32 -22.05 8.83
CA LYS B 40 -10.86 -22.11 10.19
C LYS B 40 -10.69 -20.76 10.88
N PHE B 41 -9.47 -20.22 10.87
CA PHE B 41 -9.22 -18.87 11.32
C PHE B 41 -10.27 -17.93 10.76
N TYR B 42 -10.32 -17.78 9.42
CA TYR B 42 -11.24 -16.82 8.83
C TYR B 42 -12.65 -17.03 9.35
N SER B 43 -12.99 -18.24 9.76
CA SER B 43 -14.34 -18.51 10.23
C SER B 43 -14.52 -18.03 11.66
N PHE B 44 -13.45 -18.00 12.45
CA PHE B 44 -13.52 -17.36 13.77
C PHE B 44 -13.91 -15.90 13.64
N LEU B 45 -13.33 -15.21 12.65
CA LEU B 45 -13.69 -13.82 12.42
C LEU B 45 -15.18 -13.65 12.14
N VAL B 46 -15.73 -14.47 11.24
CA VAL B 46 -17.11 -14.30 10.83
C VAL B 46 -18.05 -14.68 11.96
N LEU B 47 -17.67 -15.68 12.77
CA LEU B 47 -18.54 -16.09 13.86
C LEU B 47 -18.57 -15.06 14.97
N LYS B 48 -17.41 -14.46 15.28
CA LYS B 48 -17.41 -13.34 16.21
C LYS B 48 -18.22 -12.18 15.64
N LYS B 49 -18.08 -11.91 14.34
CA LYS B 49 -18.93 -10.90 13.72
C LYS B 49 -20.40 -11.23 13.91
N GLN B 50 -20.77 -12.48 13.66
CA GLN B 50 -22.15 -12.88 13.81
C GLN B 50 -22.50 -13.18 15.28
N GLN B 51 -21.69 -12.69 16.22
CA GLN B 51 -21.97 -12.76 17.64
C GLN B 51 -22.13 -14.22 18.11
N ALA B 52 -22.03 -15.18 17.20
CA ALA B 52 -22.25 -16.57 17.58
C ALA B 52 -21.19 -17.06 18.57
N ILE B 53 -20.08 -16.34 18.71
CA ILE B 53 -19.06 -16.66 19.70
C ILE B 53 -18.47 -15.36 20.22
N GLU B 54 -17.76 -15.47 21.34
CA GLU B 54 -16.73 -14.53 21.77
C GLU B 54 -15.38 -15.20 21.57
N LEU B 55 -14.31 -14.42 21.66
CA LEU B 55 -13.00 -15.05 21.56
C LEU B 55 -11.97 -14.23 22.31
N THR B 56 -10.82 -14.87 22.51
CA THR B 56 -9.73 -14.34 23.33
C THR B 56 -8.40 -14.82 22.77
N GLN B 57 -7.39 -13.96 22.83
CA GLN B 57 -6.04 -14.36 22.47
C GLN B 57 -5.07 -13.65 23.39
N GLU B 58 -4.28 -14.43 24.12
CA GLU B 58 -3.40 -13.91 25.15
C GLU B 58 -2.36 -12.98 24.54
N GLU B 59 -1.38 -13.52 23.86
CA GLU B 59 -0.42 -12.67 23.20
C GLU B 59 -0.46 -12.92 21.69
N PRO B 60 0.17 -12.06 20.91
CA PRO B 60 0.31 -12.35 19.49
C PRO B 60 0.79 -13.77 19.23
N TYR B 61 0.13 -14.40 18.26
CA TYR B 61 0.43 -15.72 17.73
C TYR B 61 0.26 -16.83 18.76
N SER B 62 -0.47 -16.58 19.82
CA SER B 62 -0.85 -17.61 20.77
C SER B 62 -2.16 -18.24 20.32
N ASP B 63 -2.51 -19.35 20.97
CA ASP B 63 -3.79 -20.01 20.71
C ASP B 63 -4.94 -19.02 20.83
N ILE B 64 -5.95 -19.17 19.98
CA ILE B 64 -7.14 -18.34 19.98
C ILE B 64 -8.31 -19.18 20.49
N ILE B 65 -9.06 -18.62 21.43
CA ILE B 65 -9.96 -19.39 22.30
C ILE B 65 -11.35 -18.83 22.21
N ALA B 66 -12.32 -19.68 21.86
CA ALA B 66 -13.70 -19.26 21.62
C ALA B 66 -14.62 -19.85 22.69
N THR B 67 -15.36 -18.99 23.38
CA THR B 67 -16.47 -19.31 24.26
C THR B 67 -17.78 -18.88 23.60
N PRO B 68 -18.87 -19.62 23.81
CA PRO B 68 -20.10 -19.34 23.06
C PRO B 68 -20.57 -17.92 23.28
N GLY B 69 -21.18 -17.35 22.25
CA GLY B 69 -21.40 -15.93 22.20
C GLY B 69 -22.86 -15.52 22.29
N PRO B 70 -23.08 -14.23 22.60
CA PRO B 70 -24.44 -13.72 22.88
C PRO B 70 -25.57 -14.17 21.95
N ARG B 71 -25.25 -14.70 20.77
CA ARG B 71 -26.28 -15.24 19.89
C ARG B 71 -26.20 -16.76 19.80
N PHE B 72 -25.78 -17.40 20.89
CA PHE B 72 -25.91 -18.83 21.14
C PHE B 72 -25.14 -19.69 20.14
N HIS B 73 -25.50 -20.97 20.08
CA HIS B 73 -24.87 -21.93 19.18
C HIS B 73 -25.24 -21.64 17.73
MG MG C . -10.89 -0.94 2.11
PG AGS D . -13.80 -2.60 2.13
S1G AGS D . -13.44 -4.49 2.22
O2G AGS D . -12.57 -1.79 1.41
O3G AGS D . -15.23 -2.23 1.46
PB AGS D . -12.77 -1.80 4.74
O1B AGS D . -12.57 -3.04 5.54
O2B AGS D . -11.49 -1.34 4.13
O3B AGS D . -13.97 -2.03 3.65
PA AGS D . -12.58 0.74 6.15
O1A AGS D . -11.28 0.33 6.85
O2A AGS D . -12.30 1.69 5.00
O3A AGS D . -13.36 -0.60 5.65
O5' AGS D . -13.68 1.43 7.16
C5' AGS D . -14.27 0.56 8.11
C4' AGS D . -15.09 1.52 8.93
O4' AGS D . -14.29 2.37 9.49
C3' AGS D . -15.94 2.46 7.96
O3' AGS D . -17.15 1.92 7.75
C2' AGS D . -16.02 3.80 8.74
O2' AGS D . -17.41 4.22 8.98
C1' AGS D . -15.37 3.54 9.90
N9 AGS D . -14.71 4.68 10.46
C8 AGS D . -13.98 5.59 9.83
N7 AGS D . -13.53 6.51 10.68
C5 AGS D . -14.01 6.18 11.91
C6 AGS D . -13.92 6.73 13.21
N6 AGS D . -13.17 7.94 13.44
N1 AGS D . -14.53 6.14 14.22
C2 AGS D . -15.23 5.02 14.02
N3 AGS D . -15.34 4.48 12.80
C4 AGS D . -14.75 5.02 11.75
#